data_4BT8
#
_entry.id   4BT8
#
_cell.length_a   71.939
_cell.length_b   105.403
_cell.length_c   65.991
_cell.angle_alpha   90.00
_cell.angle_beta   90.00
_cell.angle_gamma   90.00
#
_symmetry.space_group_name_H-M   'P 21 21 2'
#
loop_
_entity.id
_entity.type
_entity.pdbx_description
1 polymer 'PROLYL 4-HYDROXYLASE SUBUNIT ALPHA-1'
2 water water
#
_entity_poly.entity_id   1
_entity_poly.type   'polypeptide(L)'
_entity_poly.pdbx_seq_one_letter_code
;MHPGFFTSIGQMTDLIHTEKDLVTSLKDYIKAEEDKLEQIKKWAEKLDRLTSTATKDPEGFVGHPVNAFKLMKRLNTEWS
ELENLVLKDMSDGFISNLTIQRQYFPNDEDQVGAAKALLRLQDTYNLDTDTISKGNLPGVKHKSFLTAEDCFELGKVAYT
EADYYHTELWMEQALRQLDEGEISTIDKVSVLDYLSYAVYQQGDLDKALLLTKKLLELDPEHQRANGNLKYFEYIMAKE
;
_entity_poly.pdbx_strand_id   A,B
#
# COMPACT_ATOMS: atom_id res chain seq x y z
N SER A 8 20.23 -18.25 -28.86
CA SER A 8 21.52 -18.76 -28.38
C SER A 8 21.56 -18.86 -26.87
N ILE A 9 22.51 -19.67 -26.38
CA ILE A 9 22.71 -19.84 -24.95
C ILE A 9 22.93 -18.48 -24.27
N GLY A 10 23.76 -17.63 -24.86
CA GLY A 10 24.12 -16.36 -24.27
C GLY A 10 22.95 -15.42 -24.09
N GLN A 11 22.08 -15.34 -25.09
CA GLN A 11 20.89 -14.49 -25.05
C GLN A 11 19.97 -14.91 -23.91
N MET A 12 19.78 -16.22 -23.79
CA MET A 12 18.98 -16.77 -22.72
C MET A 12 19.64 -16.50 -21.37
N THR A 13 20.97 -16.55 -21.34
CA THR A 13 21.71 -16.36 -20.11
C THR A 13 21.46 -14.94 -19.64
N ASP A 14 21.57 -13.99 -20.55
CA ASP A 14 21.35 -12.60 -20.21
C ASP A 14 19.91 -12.35 -19.77
N LEU A 15 18.96 -13.01 -20.45
CA LEU A 15 17.58 -12.92 -19.99
C LEU A 15 17.43 -13.39 -18.55
N ILE A 16 17.99 -14.57 -18.23
CA ILE A 16 17.92 -15.10 -16.88
C ILE A 16 18.51 -14.15 -15.86
N HIS A 17 19.66 -13.57 -16.19
CA HIS A 17 20.27 -12.62 -15.27
C HIS A 17 19.43 -11.39 -15.03
N THR A 18 18.84 -10.89 -16.10
CA THR A 18 17.95 -9.77 -16.02
C THR A 18 16.77 -10.07 -15.13
N GLU A 19 16.19 -11.26 -15.28
CA GLU A 19 15.02 -11.60 -14.46
C GLU A 19 15.42 -11.72 -12.98
N LYS A 20 16.61 -12.26 -12.74
CA LYS A 20 17.13 -12.34 -11.38
C LYS A 20 17.28 -10.96 -10.72
N ASP A 21 17.79 -10.03 -11.51
CA ASP A 21 17.92 -8.65 -11.04
C ASP A 21 16.54 -8.02 -10.81
N LEU A 22 15.60 -8.32 -11.69
CA LEU A 22 14.25 -7.81 -11.54
C LEU A 22 13.65 -8.33 -10.25
N VAL A 23 13.95 -9.56 -9.92
CA VAL A 23 13.51 -10.10 -8.66
C VAL A 23 14.09 -9.35 -7.47
N THR A 24 15.41 -9.14 -7.43
CA THR A 24 15.99 -8.40 -6.31
C THR A 24 15.39 -7.00 -6.16
N SER A 25 15.22 -6.33 -7.29
CA SER A 25 14.58 -5.03 -7.33
C SER A 25 13.12 -5.11 -6.77
N LEU A 26 12.42 -6.16 -7.17
CA LEU A 26 11.06 -6.38 -6.71
C LEU A 26 11.02 -6.55 -5.21
N LYS A 27 12.01 -7.24 -4.67
CA LYS A 27 12.09 -7.48 -3.24
C LYS A 27 12.38 -6.19 -2.49
N ASP A 28 13.18 -5.32 -3.11
CA ASP A 28 13.40 -4.00 -2.55
C ASP A 28 12.08 -3.22 -2.46
N TYR A 29 11.26 -3.32 -3.51
CA TYR A 29 9.94 -2.67 -3.52
C TYR A 29 9.08 -3.22 -2.38
N ILE A 30 9.02 -4.54 -2.28
CA ILE A 30 8.31 -5.18 -1.19
C ILE A 30 8.75 -4.65 0.19
N LYS A 31 10.06 -4.57 0.40
CA LYS A 31 10.63 -4.08 1.65
C LYS A 31 10.19 -2.65 1.98
N ALA A 32 10.29 -1.79 0.98
CA ALA A 32 9.85 -0.42 1.10
C ALA A 32 8.34 -0.35 1.52
N GLU A 33 7.50 -1.08 0.80
CA GLU A 33 6.06 -1.07 1.09
C GLU A 33 5.77 -1.60 2.49
N GLU A 34 6.49 -2.64 2.90
CA GLU A 34 6.28 -3.21 4.21
C GLU A 34 6.65 -2.24 5.33
N ASP A 35 7.71 -1.46 5.10
CA ASP A 35 8.10 -0.45 6.08
C ASP A 35 7.02 0.62 6.21
N LYS A 36 6.52 1.08 5.05
CA LYS A 36 5.44 2.07 5.07
C LYS A 36 4.21 1.52 5.78
N LEU A 37 3.84 0.29 5.46
CA LEU A 37 2.70 -0.34 6.14
C LEU A 37 2.90 -0.45 7.63
N GLU A 38 4.13 -0.64 8.09
CA GLU A 38 4.34 -0.83 9.53
C GLU A 38 4.22 0.50 10.29
N GLN A 39 4.73 1.55 9.65
CA GLN A 39 4.49 2.93 10.11
C GLN A 39 2.98 3.18 10.25
N ILE A 40 2.25 2.85 9.19
CA ILE A 40 0.80 3.04 9.16
C ILE A 40 0.07 2.19 10.18
N LYS A 41 0.56 0.96 10.38
CA LYS A 41 -0.04 0.03 11.33
C LYS A 41 0.09 0.57 12.76
N LYS A 42 1.25 1.16 13.05
CA LYS A 42 1.53 1.70 14.37
C LYS A 42 0.64 2.91 14.62
N TRP A 43 0.54 3.74 13.58
CA TRP A 43 -0.31 4.92 13.61
C TRP A 43 -1.77 4.51 13.90
N ALA A 44 -2.23 3.52 13.16
CA ALA A 44 -3.59 3.02 13.28
C ALA A 44 -3.84 2.41 14.66
N GLU A 45 -2.81 1.81 15.25
CA GLU A 45 -2.91 1.28 16.61
C GLU A 45 -3.16 2.41 17.62
N LYS A 46 -2.33 3.45 17.54
CA LYS A 46 -2.50 4.62 18.39
C LYS A 46 -3.91 5.22 18.26
N LEU A 47 -4.35 5.44 17.01
CA LEU A 47 -5.68 5.98 16.77
C LEU A 47 -6.74 5.05 17.34
N ASP A 48 -6.49 3.75 17.25
CA ASP A 48 -7.49 2.79 17.73
C ASP A 48 -7.65 2.87 19.25
N ARG A 49 -6.54 2.90 19.99
CA ARG A 49 -6.63 3.08 21.43
C ARG A 49 -7.33 4.40 21.75
N LEU A 50 -6.94 5.47 21.07
CA LEU A 50 -7.58 6.78 21.25
C LEU A 50 -9.12 6.73 21.11
N THR A 51 -9.56 6.45 19.89
CA THR A 51 -10.97 6.37 19.55
C THR A 51 -11.72 5.39 20.45
N SER A 52 -11.04 4.33 20.86
CA SER A 52 -11.65 3.40 21.82
C SER A 52 -11.97 4.13 23.12
N THR A 53 -10.97 4.77 23.71
CA THR A 53 -11.20 5.47 24.97
C THR A 53 -12.28 6.54 24.84
N ALA A 54 -12.31 7.24 23.71
CA ALA A 54 -13.31 8.30 23.55
C ALA A 54 -14.72 7.74 23.39
N THR A 55 -14.87 6.68 22.59
CA THR A 55 -16.19 6.08 22.39
C THR A 55 -16.68 5.43 23.68
N LYS A 56 -15.75 5.00 24.52
CA LYS A 56 -16.13 4.39 25.79
C LYS A 56 -16.93 5.38 26.66
N ASP A 57 -16.56 6.65 26.61
CA ASP A 57 -17.29 7.70 27.35
C ASP A 57 -17.07 9.04 26.67
N PRO A 58 -17.89 9.33 25.65
CA PRO A 58 -17.75 10.57 24.89
C PRO A 58 -17.95 11.83 25.70
N GLU A 59 -18.80 11.78 26.71
CA GLU A 59 -19.06 12.98 27.52
C GLU A 59 -17.88 13.37 28.40
N GLY A 60 -17.31 12.39 29.08
CA GLY A 60 -16.15 12.61 29.92
C GLY A 60 -14.97 12.97 29.04
N PHE A 61 -14.94 12.39 27.85
CA PHE A 61 -13.84 12.64 26.92
C PHE A 61 -13.81 14.12 26.58
N VAL A 62 -14.95 14.70 26.21
CA VAL A 62 -14.98 16.12 25.88
C VAL A 62 -15.21 16.95 27.15
N GLY A 63 -14.97 16.32 28.29
CA GLY A 63 -14.86 17.06 29.53
C GLY A 63 -13.50 17.74 29.47
N HIS A 64 -12.47 16.89 29.43
CA HIS A 64 -11.06 17.26 29.42
C HIS A 64 -10.85 18.47 28.51
N PRO A 65 -10.23 19.53 29.06
CA PRO A 65 -10.03 20.73 28.20
C PRO A 65 -9.03 20.50 27.06
N VAL A 66 -8.09 19.59 27.24
CA VAL A 66 -7.18 19.31 26.16
C VAL A 66 -7.85 18.48 25.06
N ASN A 67 -8.78 17.60 25.43
CA ASN A 67 -9.35 16.69 24.42
C ASN A 67 -10.11 17.35 23.26
N ALA A 68 -10.80 18.46 23.49
CA ALA A 68 -11.51 19.07 22.36
C ALA A 68 -10.49 19.58 21.35
N PHE A 69 -9.43 20.17 21.90
CA PHE A 69 -8.40 20.72 21.06
C PHE A 69 -7.69 19.60 20.31
N LYS A 70 -7.33 18.55 21.03
CA LYS A 70 -6.61 17.44 20.43
C LYS A 70 -7.44 16.76 19.36
N LEU A 71 -8.74 16.65 19.60
CA LEU A 71 -9.68 16.06 18.65
C LEU A 71 -9.79 16.93 17.40
N MET A 72 -9.95 18.23 17.61
CA MET A 72 -10.04 19.15 16.47
C MET A 72 -8.75 19.07 15.64
N LYS A 73 -7.61 19.03 16.33
CA LYS A 73 -6.34 18.91 15.65
C LYS A 73 -6.16 17.59 14.87
N ARG A 74 -6.48 16.45 15.50
CA ARG A 74 -6.36 15.16 14.82
C ARG A 74 -7.19 15.15 13.57
N LEU A 75 -8.44 15.58 13.70
CA LEU A 75 -9.33 15.52 12.56
C LEU A 75 -8.91 16.48 11.46
N ASN A 76 -8.47 17.67 11.85
CA ASN A 76 -8.18 18.68 10.85
C ASN A 76 -6.79 18.53 10.23
N THR A 77 -5.84 18.01 11.00
CA THR A 77 -4.45 18.04 10.58
C THR A 77 -3.81 16.67 10.45
N GLU A 78 -3.94 15.85 11.49
CA GLU A 78 -3.23 14.59 11.57
C GLU A 78 -3.75 13.58 10.56
N TRP A 79 -5.07 13.53 10.42
CA TRP A 79 -5.66 12.62 9.48
C TRP A 79 -5.25 12.99 8.06
N SER A 80 -4.83 14.23 7.84
CA SER A 80 -4.38 14.59 6.50
C SER A 80 -2.96 14.09 6.30
N GLU A 81 -2.16 14.15 7.36
CA GLU A 81 -0.82 13.59 7.31
C GLU A 81 -0.89 12.08 7.01
N LEU A 82 -1.86 11.43 7.66
CA LEU A 82 -2.08 10.01 7.56
C LEU A 82 -2.50 9.70 6.15
N GLU A 83 -3.42 10.50 5.64
CA GLU A 83 -3.86 10.37 4.27
C GLU A 83 -2.69 10.43 3.28
N ASN A 84 -1.80 11.39 3.48
CA ASN A 84 -0.67 11.56 2.57
C ASN A 84 0.27 10.37 2.61
N LEU A 85 0.51 9.85 3.81
CA LEU A 85 1.32 8.64 3.90
C LEU A 85 0.65 7.43 3.21
N VAL A 86 -0.66 7.27 3.37
CA VAL A 86 -1.36 6.16 2.73
C VAL A 86 -1.22 6.21 1.21
N LEU A 87 -1.31 7.41 0.65
CA LEU A 87 -1.29 7.65 -0.80
C LEU A 87 0.09 7.70 -1.41
N LYS A 88 1.11 7.55 -0.57
CA LYS A 88 2.44 7.77 -1.07
C LYS A 88 2.88 6.56 -1.92
N ASP A 89 3.26 6.86 -3.15
CA ASP A 89 3.71 5.86 -4.11
C ASP A 89 5.08 5.26 -3.82
N MET A 90 5.13 3.98 -3.45
CA MET A 90 6.41 3.32 -3.16
C MET A 90 7.03 2.59 -4.36
N SER A 91 6.48 2.78 -5.55
CA SER A 91 6.74 1.80 -6.60
C SER A 91 7.63 2.26 -7.78
N ASP A 92 8.00 3.53 -7.79
CA ASP A 92 8.66 4.17 -8.90
C ASP A 92 10.02 3.56 -9.26
N GLY A 93 10.79 3.15 -8.26
CA GLY A 93 12.11 2.59 -8.55
C GLY A 93 11.99 1.29 -9.33
N PHE A 94 11.15 0.40 -8.81
CA PHE A 94 10.91 -0.86 -9.43
C PHE A 94 10.30 -0.71 -10.81
N ILE A 95 9.30 0.15 -10.92
CA ILE A 95 8.62 0.31 -12.20
C ILE A 95 9.53 0.93 -13.26
N SER A 96 10.34 1.90 -12.85
CA SER A 96 11.30 2.53 -13.71
C SER A 96 12.28 1.52 -14.25
N ASN A 97 12.80 0.72 -13.33
CA ASN A 97 13.73 -0.31 -13.72
C ASN A 97 13.09 -1.34 -14.67
N LEU A 98 11.93 -1.88 -14.31
CA LEU A 98 11.24 -2.86 -15.15
C LEU A 98 10.99 -2.28 -16.52
N THR A 99 10.54 -1.04 -16.53
CA THR A 99 10.28 -0.31 -17.77
C THR A 99 11.55 -0.32 -18.65
N ILE A 100 12.69 -0.04 -18.05
CA ILE A 100 13.96 -0.12 -18.79
C ILE A 100 14.31 -1.54 -19.27
N GLN A 101 14.16 -2.53 -18.41
CA GLN A 101 14.49 -3.91 -18.81
C GLN A 101 13.62 -4.45 -19.95
N ARG A 102 12.39 -3.96 -20.03
CA ARG A 102 11.48 -4.49 -21.02
C ARG A 102 11.99 -4.34 -22.45
N GLN A 103 12.91 -3.42 -22.63
CA GLN A 103 13.49 -3.16 -23.93
C GLN A 103 14.07 -4.42 -24.57
N TYR A 104 14.61 -5.30 -23.74
CA TYR A 104 15.27 -6.48 -24.23
C TYR A 104 14.43 -7.67 -23.92
N PHE A 105 13.14 -7.44 -23.65
CA PHE A 105 12.25 -8.56 -23.37
C PHE A 105 11.83 -9.20 -24.67
N PRO A 106 11.41 -10.47 -24.61
CA PRO A 106 10.72 -11.16 -25.70
C PRO A 106 9.33 -10.61 -25.99
N ASN A 107 8.79 -10.91 -27.17
CA ASN A 107 7.43 -10.54 -27.59
C ASN A 107 6.50 -11.74 -27.73
N ASP A 108 5.36 -11.53 -28.39
CA ASP A 108 4.43 -12.62 -28.63
C ASP A 108 5.07 -13.73 -29.47
N GLU A 109 5.72 -13.33 -30.56
CA GLU A 109 6.32 -14.27 -31.51
C GLU A 109 7.37 -15.16 -30.87
N ASP A 110 8.11 -14.58 -29.93
CA ASP A 110 9.12 -15.32 -29.17
C ASP A 110 8.42 -16.32 -28.27
N GLN A 111 7.25 -15.93 -27.80
CA GLN A 111 6.50 -16.74 -26.85
C GLN A 111 5.87 -17.95 -27.54
N VAL A 112 5.17 -17.68 -28.65
CA VAL A 112 4.60 -18.72 -29.48
C VAL A 112 5.70 -19.66 -29.97
N GLY A 113 6.79 -19.08 -30.46
CA GLY A 113 7.91 -19.87 -30.96
C GLY A 113 8.44 -20.82 -29.91
N ALA A 114 8.65 -20.30 -28.71
CA ALA A 114 9.09 -21.13 -27.60
C ALA A 114 8.08 -22.23 -27.30
N ALA A 115 6.80 -21.92 -27.54
CA ALA A 115 5.75 -22.92 -27.34
C ALA A 115 5.84 -24.06 -28.37
N LYS A 116 5.92 -23.71 -29.66
CA LYS A 116 6.02 -24.71 -30.73
C LYS A 116 7.20 -25.59 -30.41
N ALA A 117 8.28 -24.95 -29.95
CA ALA A 117 9.45 -25.68 -29.52
C ALA A 117 9.09 -26.70 -28.43
N LEU A 118 8.22 -26.29 -27.50
CA LEU A 118 7.76 -27.24 -26.46
C LEU A 118 7.00 -28.44 -27.06
N LEU A 119 6.18 -28.19 -28.07
CA LEU A 119 5.44 -29.29 -28.69
C LEU A 119 6.43 -30.27 -29.33
N ARG A 120 7.30 -29.74 -30.18
CA ARG A 120 8.32 -30.54 -30.85
C ARG A 120 9.19 -31.36 -29.90
N LEU A 121 9.56 -30.78 -28.77
CA LEU A 121 10.30 -31.58 -27.80
C LEU A 121 9.40 -32.68 -27.24
N GLN A 122 8.11 -32.37 -27.06
CA GLN A 122 7.16 -33.39 -26.59
C GLN A 122 7.14 -34.61 -27.53
N ASP A 123 7.13 -34.36 -28.84
CA ASP A 123 7.20 -35.44 -29.84
C ASP A 123 8.53 -36.20 -29.75
N THR A 124 9.63 -35.49 -29.97
CA THR A 124 11.00 -36.03 -29.94
C THR A 124 11.34 -36.98 -28.77
N TYR A 125 10.80 -36.69 -27.59
CA TYR A 125 11.12 -37.51 -26.42
C TYR A 125 9.98 -38.39 -25.93
N ASN A 126 8.91 -38.46 -26.71
CA ASN A 126 7.79 -39.36 -26.42
C ASN A 126 7.24 -39.20 -24.99
N LEU A 127 6.98 -37.96 -24.58
CA LEU A 127 6.51 -37.69 -23.22
C LEU A 127 5.02 -37.39 -23.16
N ASP A 128 4.35 -37.86 -22.13
CA ASP A 128 2.94 -37.54 -21.97
C ASP A 128 2.76 -36.20 -21.26
N THR A 129 1.61 -35.56 -21.54
CA THR A 129 1.37 -34.20 -21.11
C THR A 129 1.37 -34.03 -19.60
N ASP A 130 1.02 -35.09 -18.87
CA ASP A 130 1.00 -34.96 -17.42
C ASP A 130 2.43 -34.79 -16.88
N THR A 131 3.34 -35.64 -17.36
CA THR A 131 4.72 -35.64 -16.89
C THR A 131 5.39 -34.31 -17.19
N ILE A 132 5.09 -33.75 -18.36
CA ILE A 132 5.63 -32.47 -18.75
C ILE A 132 5.02 -31.40 -17.83
N SER A 133 3.69 -31.42 -17.68
CA SER A 133 2.94 -30.44 -16.90
C SER A 133 3.43 -30.41 -15.44
N LYS A 134 3.80 -31.58 -14.91
CA LYS A 134 4.43 -31.67 -13.60
C LYS A 134 5.97 -31.69 -13.74
N PHE A 145 6.65 -26.61 -13.62
CA PHE A 145 5.21 -26.83 -13.58
C PHE A 145 4.45 -25.99 -14.61
N LEU A 146 3.45 -26.60 -15.24
CA LEU A 146 2.55 -25.93 -16.17
C LEU A 146 1.22 -25.73 -15.48
N THR A 147 0.58 -24.59 -15.73
CA THR A 147 -0.75 -24.34 -15.16
C THR A 147 -1.81 -24.75 -16.19
N ALA A 148 -3.07 -24.79 -15.75
CA ALA A 148 -4.20 -25.08 -16.64
C ALA A 148 -4.22 -24.11 -17.80
N GLU A 149 -3.93 -22.85 -17.46
CA GLU A 149 -3.89 -21.78 -18.43
C GLU A 149 -2.73 -21.96 -19.40
N ASP A 150 -1.59 -22.43 -18.88
CA ASP A 150 -0.45 -22.77 -19.72
C ASP A 150 -0.80 -23.85 -20.76
N CYS A 151 -1.40 -24.94 -20.27
CA CYS A 151 -1.84 -26.07 -21.13
C CYS A 151 -2.80 -25.60 -22.20
N PHE A 152 -3.78 -24.83 -21.77
CA PHE A 152 -4.76 -24.23 -22.66
C PHE A 152 -4.08 -23.40 -23.75
N GLU A 153 -3.06 -22.66 -23.36
CA GLU A 153 -2.36 -21.83 -24.32
C GLU A 153 -1.67 -22.68 -25.35
N LEU A 154 -1.03 -23.74 -24.89
CA LEU A 154 -0.34 -24.63 -25.80
C LEU A 154 -1.35 -25.23 -26.78
N GLY A 155 -2.51 -25.60 -26.24
CA GLY A 155 -3.61 -26.14 -27.02
C GLY A 155 -4.06 -25.20 -28.11
N LYS A 156 -4.08 -23.90 -27.80
CA LYS A 156 -4.48 -22.89 -28.77
C LYS A 156 -3.38 -22.62 -29.80
N VAL A 157 -2.13 -22.76 -29.39
CA VAL A 157 -1.00 -22.61 -30.29
C VAL A 157 -1.06 -23.71 -31.35
N ALA A 158 -1.34 -24.93 -30.88
CA ALA A 158 -1.58 -26.05 -31.77
C ALA A 158 -2.80 -25.76 -32.67
N TYR A 159 -3.88 -25.30 -32.04
CA TYR A 159 -5.16 -25.07 -32.70
C TYR A 159 -5.03 -24.13 -33.90
N THR A 160 -4.28 -23.04 -33.73
CA THR A 160 -4.08 -22.07 -34.80
C THR A 160 -3.36 -22.61 -36.03
N GLU A 161 -2.62 -23.71 -35.86
CA GLU A 161 -1.84 -24.27 -36.96
C GLU A 161 -2.46 -25.58 -37.43
N ALA A 162 -3.69 -25.82 -37.01
CA ALA A 162 -4.44 -27.04 -37.35
C ALA A 162 -3.76 -28.32 -36.86
N ASP A 163 -3.00 -28.21 -35.77
CA ASP A 163 -2.39 -29.39 -35.18
C ASP A 163 -3.32 -29.88 -34.07
N TYR A 164 -4.33 -30.64 -34.46
CA TYR A 164 -5.39 -31.07 -33.56
C TYR A 164 -4.98 -32.23 -32.64
N TYR A 165 -3.85 -32.86 -32.95
CA TYR A 165 -3.32 -33.92 -32.11
C TYR A 165 -2.80 -33.28 -30.81
N HIS A 166 -1.98 -32.25 -30.98
CA HIS A 166 -1.49 -31.48 -29.84
C HIS A 166 -2.59 -30.65 -29.19
N THR A 167 -3.48 -30.09 -30.00
CA THR A 167 -4.62 -29.35 -29.48
C THR A 167 -5.35 -30.25 -28.50
N GLU A 168 -5.58 -31.48 -28.96
CA GLU A 168 -6.28 -32.48 -28.15
C GLU A 168 -5.52 -32.82 -26.88
N LEU A 169 -4.26 -33.21 -27.02
CA LEU A 169 -3.46 -33.58 -25.85
C LEU A 169 -3.45 -32.45 -24.79
N TRP A 170 -3.24 -31.21 -25.22
CA TRP A 170 -3.08 -30.09 -24.27
C TRP A 170 -4.39 -29.57 -23.66
N MET A 171 -5.46 -29.56 -24.45
CA MET A 171 -6.78 -29.26 -23.87
C MET A 171 -7.15 -30.37 -22.86
N GLU A 172 -6.80 -31.61 -23.17
CA GLU A 172 -7.08 -32.71 -22.24
C GLU A 172 -6.32 -32.50 -20.94
N GLN A 173 -5.06 -32.12 -21.03
CA GLN A 173 -4.26 -31.85 -19.84
C GLN A 173 -4.83 -30.68 -19.00
N ALA A 174 -5.22 -29.62 -19.70
CA ALA A 174 -5.82 -28.47 -19.04
C ALA A 174 -7.06 -28.89 -18.26
N LEU A 175 -7.90 -29.69 -18.92
CA LEU A 175 -9.13 -30.16 -18.31
C LEU A 175 -8.81 -31.05 -17.12
N ARG A 176 -7.78 -31.88 -17.26
CA ARG A 176 -7.43 -32.80 -16.19
C ARG A 176 -7.03 -32.04 -14.95
N GLN A 177 -6.27 -30.96 -15.15
CA GLN A 177 -5.82 -30.13 -14.04
C GLN A 177 -6.96 -29.39 -13.41
N LEU A 178 -7.91 -28.97 -14.24
CA LEU A 178 -9.14 -28.39 -13.71
C LEU A 178 -9.87 -29.39 -12.78
N ASP A 179 -9.99 -30.64 -13.22
CA ASP A 179 -10.65 -31.70 -12.48
C ASP A 179 -10.02 -31.98 -11.11
N GLU A 180 -8.69 -31.94 -11.04
CA GLU A 180 -7.97 -32.14 -9.78
C GLU A 180 -8.18 -30.97 -8.82
N GLY A 181 -8.94 -29.97 -9.28
CA GLY A 181 -9.29 -28.81 -8.48
C GLY A 181 -8.25 -27.72 -8.40
N GLU A 182 -7.45 -27.55 -9.46
CA GLU A 182 -6.53 -26.41 -9.54
C GLU A 182 -7.33 -25.13 -9.78
N ILE A 183 -7.05 -24.08 -9.00
CA ILE A 183 -7.73 -22.81 -9.21
C ILE A 183 -7.12 -22.20 -10.46
N SER A 184 -7.97 -21.75 -11.38
CA SER A 184 -7.49 -21.23 -12.66
C SER A 184 -8.48 -20.24 -13.22
N THR A 185 -8.04 -19.43 -14.19
CA THR A 185 -8.88 -18.41 -14.80
C THR A 185 -9.76 -18.98 -15.93
N ILE A 186 -9.48 -20.22 -16.31
CA ILE A 186 -10.20 -20.84 -17.41
C ILE A 186 -11.29 -21.79 -16.92
N ASP A 187 -12.47 -21.70 -17.55
CA ASP A 187 -13.59 -22.58 -17.22
C ASP A 187 -13.55 -23.83 -18.09
N LYS A 188 -14.02 -24.93 -17.51
CA LYS A 188 -14.03 -26.22 -18.17
C LYS A 188 -14.78 -26.18 -19.49
N VAL A 189 -15.68 -25.23 -19.65
CA VAL A 189 -16.57 -25.25 -20.82
C VAL A 189 -15.85 -24.90 -22.12
N SER A 190 -15.06 -23.83 -22.10
CA SER A 190 -14.33 -23.41 -23.28
C SER A 190 -13.34 -24.48 -23.73
N VAL A 191 -12.63 -25.05 -22.75
CA VAL A 191 -11.67 -26.10 -23.05
C VAL A 191 -12.37 -27.38 -23.53
N LEU A 192 -13.56 -27.66 -23.04
CA LEU A 192 -14.35 -28.79 -23.54
C LEU A 192 -14.79 -28.58 -24.99
N ASP A 193 -15.08 -27.32 -25.32
CA ASP A 193 -15.42 -26.93 -26.69
C ASP A 193 -14.24 -27.23 -27.60
N TYR A 194 -13.10 -26.63 -27.25
CA TYR A 194 -11.87 -26.84 -28.02
C TYR A 194 -11.49 -28.32 -28.15
N LEU A 195 -11.64 -29.05 -27.05
CA LEU A 195 -11.25 -30.43 -26.96
C LEU A 195 -12.11 -31.25 -27.90
N SER A 196 -13.42 -31.24 -27.66
CA SER A 196 -14.38 -31.99 -28.44
C SER A 196 -14.24 -31.66 -29.92
N TYR A 197 -14.02 -30.39 -30.25
CA TYR A 197 -13.77 -30.03 -31.65
C TYR A 197 -12.54 -30.75 -32.20
N ALA A 198 -11.43 -30.67 -31.47
CA ALA A 198 -10.17 -31.28 -31.92
C ALA A 198 -10.28 -32.80 -32.09
N VAL A 199 -10.88 -33.44 -31.09
CA VAL A 199 -11.18 -34.87 -31.08
C VAL A 199 -12.06 -35.27 -32.27
N TYR A 200 -13.16 -34.55 -32.49
CA TYR A 200 -14.00 -34.79 -33.67
C TYR A 200 -13.16 -34.74 -34.93
N GLN A 201 -12.28 -33.75 -35.01
CA GLN A 201 -11.40 -33.65 -36.17
C GLN A 201 -10.41 -34.81 -36.25
N GLN A 202 -10.16 -35.48 -35.13
CA GLN A 202 -9.27 -36.65 -35.12
C GLN A 202 -10.03 -37.81 -35.76
N GLY A 203 -11.30 -37.92 -35.38
CA GLY A 203 -12.18 -38.91 -35.92
C GLY A 203 -12.83 -39.73 -34.83
N ASP A 204 -12.51 -39.43 -33.58
CA ASP A 204 -13.06 -40.19 -32.46
C ASP A 204 -14.43 -39.63 -32.07
N LEU A 205 -15.40 -39.89 -32.93
CA LEU A 205 -16.75 -39.37 -32.76
C LEU A 205 -17.39 -39.81 -31.44
N ASP A 206 -16.98 -40.98 -30.96
CA ASP A 206 -17.46 -41.51 -29.70
C ASP A 206 -17.01 -40.57 -28.56
N LYS A 207 -15.72 -40.28 -28.56
CA LYS A 207 -15.09 -39.43 -27.56
C LYS A 207 -15.67 -38.02 -27.64
N ALA A 208 -15.73 -37.48 -28.86
CA ALA A 208 -16.26 -36.14 -29.11
C ALA A 208 -17.69 -36.02 -28.59
N LEU A 209 -18.47 -37.07 -28.80
CA LEU A 209 -19.83 -37.10 -28.32
C LEU A 209 -19.88 -37.08 -26.80
N LEU A 210 -19.02 -37.89 -26.16
CA LEU A 210 -18.98 -37.95 -24.70
C LEU A 210 -18.61 -36.60 -24.09
N LEU A 211 -17.66 -35.94 -24.72
CA LEU A 211 -17.16 -34.67 -24.23
C LEU A 211 -18.21 -33.58 -24.43
N THR A 212 -18.89 -33.64 -25.56
CA THR A 212 -20.03 -32.77 -25.84
C THR A 212 -21.08 -32.92 -24.75
N LYS A 213 -21.29 -34.16 -24.32
CA LYS A 213 -22.26 -34.43 -23.26
C LYS A 213 -21.77 -33.91 -21.91
N LYS A 214 -20.45 -33.87 -21.73
CA LYS A 214 -19.86 -33.29 -20.53
C LYS A 214 -20.13 -31.79 -20.50
N LEU A 215 -19.88 -31.17 -21.65
CA LEU A 215 -20.09 -29.75 -21.83
C LEU A 215 -21.54 -29.42 -21.52
N LEU A 216 -22.47 -30.10 -22.17
CA LEU A 216 -23.89 -29.85 -21.95
C LEU A 216 -24.31 -30.10 -20.50
N GLU A 217 -23.71 -31.09 -19.84
CA GLU A 217 -23.96 -31.24 -18.41
C GLU A 217 -23.48 -30.01 -17.64
N LEU A 218 -22.43 -29.35 -18.13
CA LEU A 218 -21.94 -28.12 -17.45
C LEU A 218 -22.66 -26.83 -17.85
N ASP A 219 -22.87 -26.62 -19.15
CA ASP A 219 -23.65 -25.47 -19.61
C ASP A 219 -24.66 -25.99 -20.61
N PRO A 220 -25.92 -26.16 -20.15
CA PRO A 220 -26.95 -26.90 -20.88
C PRO A 220 -27.50 -26.10 -22.06
N GLU A 221 -27.27 -24.81 -22.06
CA GLU A 221 -27.80 -23.95 -23.10
C GLU A 221 -26.81 -23.71 -24.24
N HIS A 222 -25.60 -24.24 -24.10
CA HIS A 222 -24.52 -24.03 -25.08
C HIS A 222 -24.94 -24.43 -26.49
N GLN A 223 -25.03 -23.44 -27.38
CA GLN A 223 -25.59 -23.64 -28.72
C GLN A 223 -24.95 -24.75 -29.53
N ARG A 224 -23.65 -24.58 -29.79
CA ARG A 224 -22.91 -25.51 -30.62
C ARG A 224 -22.87 -26.89 -30.01
N ALA A 225 -22.79 -27.01 -28.69
CA ALA A 225 -22.77 -28.32 -28.07
C ALA A 225 -24.09 -29.09 -28.34
N ASN A 226 -25.23 -28.42 -28.24
CA ASN A 226 -26.52 -29.03 -28.54
C ASN A 226 -26.60 -29.47 -30.01
N GLY A 227 -26.31 -28.51 -30.89
CA GLY A 227 -26.29 -28.79 -32.31
C GLY A 227 -25.41 -29.99 -32.62
N ASN A 228 -24.25 -30.04 -31.96
CA ASN A 228 -23.26 -31.09 -32.16
C ASN A 228 -23.69 -32.40 -31.57
N LEU A 229 -24.54 -32.36 -30.54
CA LEU A 229 -25.02 -33.58 -29.94
C LEU A 229 -25.83 -34.26 -31.04
N LYS A 230 -26.77 -33.49 -31.59
CA LYS A 230 -27.57 -34.03 -32.69
C LYS A 230 -26.74 -34.44 -33.91
N TYR A 231 -25.85 -33.56 -34.35
CA TYR A 231 -25.05 -33.75 -35.57
C TYR A 231 -24.12 -34.97 -35.47
N PHE A 232 -23.47 -35.11 -34.33
CA PHE A 232 -22.59 -36.22 -34.08
C PHE A 232 -23.42 -37.51 -34.07
N GLU A 233 -24.55 -37.51 -33.34
CA GLU A 233 -25.41 -38.70 -33.34
C GLU A 233 -25.79 -39.10 -34.77
N TYR A 234 -26.10 -38.10 -35.58
CA TYR A 234 -26.33 -38.28 -37.02
C TYR A 234 -25.19 -38.97 -37.79
N ILE A 235 -24.01 -38.33 -37.85
CA ILE A 235 -22.95 -38.90 -38.67
C ILE A 235 -22.52 -40.27 -38.12
N MET A 236 -22.70 -40.45 -36.82
CA MET A 236 -22.42 -41.72 -36.19
C MET A 236 -23.39 -42.78 -36.69
N ALA A 237 -24.65 -42.38 -36.85
CA ALA A 237 -25.69 -43.25 -37.38
C ALA A 237 -25.38 -43.59 -38.83
N LYS A 238 -24.88 -42.59 -39.57
CA LYS A 238 -24.56 -42.74 -40.98
C LYS A 238 -23.21 -43.40 -41.22
N GLU A 239 -22.55 -43.80 -40.15
CA GLU A 239 -21.23 -44.41 -40.27
C GLU A 239 -21.40 -45.82 -40.84
N THR B 7 -19.57 24.68 20.33
CA THR B 7 -19.51 23.26 20.00
C THR B 7 -19.99 22.37 21.16
N SER B 8 -21.02 21.57 20.90
CA SER B 8 -21.76 20.83 21.93
C SER B 8 -21.24 19.40 22.16
N ILE B 9 -21.74 18.79 23.24
CA ILE B 9 -21.41 17.41 23.55
C ILE B 9 -21.80 16.48 22.36
N GLY B 10 -22.97 16.71 21.77
CA GLY B 10 -23.48 15.87 20.71
C GLY B 10 -22.63 15.90 19.46
N GLN B 11 -22.21 17.11 19.08
CA GLN B 11 -21.39 17.32 17.90
C GLN B 11 -20.06 16.59 18.05
N MET B 12 -19.49 16.70 19.24
CA MET B 12 -18.25 16.04 19.56
C MET B 12 -18.46 14.54 19.51
N THR B 13 -19.62 14.07 19.95
CA THR B 13 -19.93 12.66 19.96
C THR B 13 -20.01 12.09 18.52
N ASP B 14 -20.66 12.83 17.63
CA ASP B 14 -20.77 12.45 16.25
C ASP B 14 -19.37 12.41 15.60
N LEU B 15 -18.55 13.43 15.90
CA LEU B 15 -17.13 13.43 15.44
C LEU B 15 -16.35 12.22 15.94
N ILE B 16 -16.48 11.92 17.22
CA ILE B 16 -15.81 10.77 17.78
C ILE B 16 -16.23 9.44 17.10
N HIS B 17 -17.54 9.24 16.89
CA HIS B 17 -17.97 8.01 16.21
C HIS B 17 -17.47 7.92 14.78
N THR B 18 -17.49 9.06 14.09
CA THR B 18 -16.94 9.09 12.74
C THR B 18 -15.47 8.70 12.74
N GLU B 19 -14.71 9.23 13.69
CA GLU B 19 -13.30 8.91 13.76
C GLU B 19 -13.08 7.41 14.05
N LYS B 20 -13.93 6.84 14.90
CA LYS B 20 -13.89 5.41 15.20
C LYS B 20 -14.09 4.60 13.91
N ASP B 21 -15.05 5.03 13.11
CA ASP B 21 -15.32 4.33 11.85
C ASP B 21 -14.17 4.44 10.84
N LEU B 22 -13.53 5.61 10.83
CA LEU B 22 -12.38 5.88 9.95
C LEU B 22 -11.22 4.99 10.35
N VAL B 23 -11.09 4.76 11.64
CA VAL B 23 -10.09 3.82 12.08
C VAL B 23 -10.44 2.41 11.53
N THR B 24 -11.69 1.98 11.66
CA THR B 24 -12.06 0.67 11.07
C THR B 24 -11.75 0.58 9.55
N SER B 25 -12.03 1.67 8.85
CA SER B 25 -11.79 1.78 7.44
C SER B 25 -10.29 1.66 7.10
N LEU B 26 -9.48 2.37 7.87
CA LEU B 26 -8.02 2.31 7.76
C LEU B 26 -7.48 0.89 8.03
N LYS B 27 -8.12 0.19 8.95
CA LYS B 27 -7.69 -1.16 9.27
C LYS B 27 -7.98 -2.08 8.09
N ASP B 28 -9.14 -1.84 7.47
CA ASP B 28 -9.53 -2.57 6.28
C ASP B 28 -8.52 -2.28 5.17
N TYR B 29 -8.06 -1.03 5.09
CA TYR B 29 -7.04 -0.65 4.13
C TYR B 29 -5.76 -1.46 4.37
N ILE B 30 -5.32 -1.48 5.63
CA ILE B 30 -4.16 -2.26 6.03
C ILE B 30 -4.28 -3.72 5.60
N LYS B 31 -5.44 -4.34 5.82
CA LYS B 31 -5.69 -5.72 5.40
C LYS B 31 -5.55 -5.91 3.90
N ALA B 32 -6.17 -5.01 3.14
CA ALA B 32 -6.07 -5.06 1.69
C ALA B 32 -4.60 -5.00 1.22
N GLU B 33 -3.86 -4.03 1.77
CA GLU B 33 -2.48 -3.84 1.37
C GLU B 33 -1.62 -5.05 1.71
N GLU B 34 -1.85 -5.59 2.90
CA GLU B 34 -1.10 -6.77 3.34
C GLU B 34 -1.36 -7.97 2.43
N ASP B 35 -2.62 -8.14 2.01
CA ASP B 35 -2.95 -9.21 1.10
C ASP B 35 -2.24 -9.02 -0.22
N LYS B 36 -2.23 -7.78 -0.70
CA LYS B 36 -1.54 -7.50 -1.94
C LYS B 36 -0.06 -7.86 -1.86
N LEU B 37 0.58 -7.40 -0.79
CA LEU B 37 2.00 -7.60 -0.60
C LEU B 37 2.37 -9.07 -0.42
N GLU B 38 1.46 -9.83 0.18
CA GLU B 38 1.75 -11.23 0.43
C GLU B 38 1.63 -12.02 -0.87
N GLN B 39 0.63 -11.66 -1.67
CA GLN B 39 0.53 -12.18 -3.02
C GLN B 39 1.85 -11.95 -3.77
N ILE B 40 2.32 -10.71 -3.74
CA ILE B 40 3.55 -10.33 -4.46
C ILE B 40 4.76 -11.07 -3.91
N LYS B 41 4.85 -11.19 -2.59
CA LYS B 41 5.97 -11.86 -1.95
C LYS B 41 6.04 -13.33 -2.35
N LYS B 42 4.87 -13.98 -2.40
CA LYS B 42 4.84 -15.38 -2.75
C LYS B 42 5.24 -15.58 -4.21
N TRP B 43 4.78 -14.67 -5.07
CA TRP B 43 5.19 -14.70 -6.45
C TRP B 43 6.72 -14.57 -6.58
N ALA B 44 7.28 -13.56 -5.93
CA ALA B 44 8.70 -13.31 -5.99
C ALA B 44 9.52 -14.45 -5.36
N GLU B 45 8.94 -15.07 -4.34
CA GLU B 45 9.55 -16.21 -3.65
C GLU B 45 9.72 -17.39 -4.63
N LYS B 46 8.59 -17.76 -5.25
CA LYS B 46 8.55 -18.80 -6.26
C LYS B 46 9.58 -18.54 -7.38
N LEU B 47 9.48 -17.34 -7.94
CA LEU B 47 10.33 -16.93 -9.04
C LEU B 47 11.80 -16.93 -8.67
N ASP B 48 12.09 -16.55 -7.42
CA ASP B 48 13.46 -16.45 -6.95
C ASP B 48 14.04 -17.85 -6.95
N ARG B 49 13.24 -18.80 -6.48
CA ARG B 49 13.64 -20.21 -6.53
C ARG B 49 14.01 -20.61 -7.96
N LEU B 50 13.10 -20.33 -8.89
CA LEU B 50 13.40 -20.64 -10.30
C LEU B 50 14.70 -20.03 -10.77
N THR B 51 14.71 -18.71 -10.92
CA THR B 51 15.86 -18.01 -11.48
C THR B 51 17.20 -18.28 -10.77
N SER B 52 17.19 -18.54 -9.46
CA SER B 52 18.43 -18.96 -8.77
C SER B 52 18.91 -20.30 -9.33
N THR B 53 18.01 -21.29 -9.31
CA THR B 53 18.39 -22.60 -9.86
C THR B 53 18.86 -22.44 -11.32
N ALA B 54 18.26 -21.50 -12.04
CA ALA B 54 18.61 -21.24 -13.44
C ALA B 54 20.02 -20.65 -13.62
N THR B 55 20.39 -19.70 -12.77
CA THR B 55 21.72 -19.10 -12.90
C THR B 55 22.76 -20.12 -12.55
N LYS B 56 22.40 -21.08 -11.72
CA LYS B 56 23.40 -22.10 -11.36
C LYS B 56 23.92 -22.84 -12.60
N ASP B 57 23.05 -23.03 -13.58
CA ASP B 57 23.41 -23.70 -14.82
C ASP B 57 22.42 -23.30 -15.92
N PRO B 58 22.64 -22.12 -16.53
CA PRO B 58 21.70 -21.56 -17.49
C PRO B 58 21.54 -22.39 -18.76
N GLU B 59 22.59 -23.09 -19.16
CA GLU B 59 22.51 -23.95 -20.33
C GLU B 59 21.58 -25.11 -20.03
N GLY B 60 21.82 -25.76 -18.90
CA GLY B 60 20.99 -26.87 -18.48
C GLY B 60 19.57 -26.42 -18.18
N PHE B 61 19.41 -25.21 -17.66
CA PHE B 61 18.08 -24.69 -17.38
C PHE B 61 17.25 -24.45 -18.64
N VAL B 62 17.80 -23.70 -19.60
CA VAL B 62 17.05 -23.41 -20.82
C VAL B 62 17.20 -24.55 -21.84
N GLY B 63 17.58 -25.73 -21.34
CA GLY B 63 17.58 -26.92 -22.17
C GLY B 63 16.12 -27.23 -22.45
N HIS B 64 15.37 -27.54 -21.40
CA HIS B 64 13.94 -27.77 -21.50
C HIS B 64 13.26 -26.68 -22.28
N PRO B 65 12.42 -27.07 -23.24
CA PRO B 65 11.56 -26.12 -23.92
C PRO B 65 10.51 -25.66 -22.91
N VAL B 66 10.38 -26.39 -21.79
CA VAL B 66 9.47 -26.02 -20.71
C VAL B 66 9.99 -24.80 -19.94
N ASN B 67 11.25 -24.85 -19.53
CA ASN B 67 11.83 -23.74 -18.79
C ASN B 67 11.89 -22.53 -19.70
N ALA B 68 12.21 -22.80 -20.97
CA ALA B 68 12.31 -21.74 -21.96
C ALA B 68 10.95 -21.13 -22.27
N PHE B 69 9.92 -21.99 -22.37
CA PHE B 69 8.58 -21.50 -22.67
C PHE B 69 8.05 -20.65 -21.51
N LYS B 70 8.20 -21.18 -20.29
CA LYS B 70 7.80 -20.46 -19.08
C LYS B 70 8.57 -19.16 -18.93
N LEU B 71 9.85 -19.17 -19.30
CA LEU B 71 10.64 -17.95 -19.25
C LEU B 71 10.12 -16.89 -20.21
N MET B 72 9.93 -17.29 -21.46
CA MET B 72 9.44 -16.34 -22.47
C MET B 72 8.07 -15.79 -22.07
N LYS B 73 7.19 -16.65 -21.58
CA LYS B 73 5.87 -16.23 -21.12
C LYS B 73 5.92 -15.29 -19.89
N ARG B 74 6.72 -15.61 -18.87
CA ARG B 74 6.87 -14.77 -17.70
C ARG B 74 7.31 -13.36 -18.10
N LEU B 75 8.31 -13.29 -18.96
CA LEU B 75 8.82 -11.99 -19.39
C LEU B 75 7.86 -11.19 -20.30
N ASN B 76 7.17 -11.87 -21.23
CA ASN B 76 6.30 -11.17 -22.17
C ASN B 76 4.91 -10.81 -21.59
N THR B 77 4.43 -11.60 -20.64
CA THR B 77 3.04 -11.51 -20.20
C THR B 77 2.87 -11.31 -18.70
N GLU B 78 3.52 -12.18 -17.95
CA GLU B 78 3.31 -12.31 -16.53
C GLU B 78 3.94 -11.14 -15.76
N TRP B 79 5.11 -10.64 -16.20
CA TRP B 79 5.70 -9.47 -15.56
C TRP B 79 4.83 -8.25 -15.79
N SER B 80 3.97 -8.30 -16.81
CA SER B 80 3.08 -7.20 -17.03
C SER B 80 1.93 -7.33 -16.03
N GLU B 81 1.54 -8.56 -15.73
CA GLU B 81 0.53 -8.79 -14.70
C GLU B 81 1.04 -8.34 -13.33
N LEU B 82 2.30 -8.66 -13.04
CA LEU B 82 2.88 -8.28 -11.76
C LEU B 82 2.98 -6.77 -11.71
N GLU B 83 3.42 -6.17 -12.82
CA GLU B 83 3.43 -4.73 -12.92
C GLU B 83 2.07 -4.11 -12.59
N ASN B 84 1.01 -4.69 -13.13
CA ASN B 84 -0.33 -4.16 -12.87
C ASN B 84 -0.70 -4.28 -11.40
N LEU B 85 -0.34 -5.40 -10.79
CA LEU B 85 -0.58 -5.54 -9.38
C LEU B 85 0.18 -4.50 -8.54
N VAL B 86 1.44 -4.22 -8.91
CA VAL B 86 2.24 -3.26 -8.17
C VAL B 86 1.60 -1.88 -8.22
N LEU B 87 1.09 -1.52 -9.38
CA LEU B 87 0.51 -0.21 -9.56
C LEU B 87 -0.91 -0.13 -9.01
N LYS B 88 -1.41 -1.23 -8.47
CA LYS B 88 -2.81 -1.28 -8.13
C LYS B 88 -3.07 -0.64 -6.76
N ASP B 89 -3.93 0.39 -6.79
CA ASP B 89 -4.37 1.16 -5.61
C ASP B 89 -5.25 0.38 -4.66
N MET B 90 -4.74 0.09 -3.46
CA MET B 90 -5.52 -0.61 -2.44
C MET B 90 -6.26 0.30 -1.48
N SER B 91 -6.23 1.61 -1.74
CA SER B 91 -6.57 2.60 -0.74
C SER B 91 -7.87 3.31 -1.07
N ASP B 92 -8.49 2.93 -2.18
CA ASP B 92 -9.60 3.72 -2.70
C ASP B 92 -10.76 3.80 -1.74
N GLY B 93 -11.11 2.69 -1.08
CA GLY B 93 -12.24 2.69 -0.18
C GLY B 93 -12.00 3.66 0.98
N PHE B 94 -10.83 3.53 1.60
CA PHE B 94 -10.49 4.39 2.72
C PHE B 94 -10.45 5.86 2.35
N ILE B 95 -9.80 6.17 1.24
CA ILE B 95 -9.67 7.57 0.80
C ILE B 95 -11.05 8.15 0.45
N SER B 96 -11.90 7.35 -0.19
CA SER B 96 -13.25 7.79 -0.52
C SER B 96 -14.09 8.10 0.71
N ASN B 97 -14.07 7.18 1.68
CA ASN B 97 -14.77 7.41 2.91
C ASN B 97 -14.22 8.64 3.68
N LEU B 98 -12.90 8.76 3.81
CA LEU B 98 -12.28 9.87 4.51
C LEU B 98 -12.70 11.17 3.82
N THR B 99 -12.62 11.17 2.48
CA THR B 99 -13.04 12.31 1.66
C THR B 99 -14.48 12.72 1.92
N ILE B 100 -15.39 11.73 1.97
CA ILE B 100 -16.77 12.03 2.32
C ILE B 100 -16.94 12.58 3.74
N GLN B 101 -16.30 11.95 4.74
CA GLN B 101 -16.46 12.43 6.10
C GLN B 101 -15.92 13.83 6.31
N ARG B 102 -14.91 14.23 5.53
CA ARG B 102 -14.29 15.54 5.76
C ARG B 102 -15.28 16.73 5.66
N GLN B 103 -16.40 16.56 4.97
CA GLN B 103 -17.44 17.61 4.92
C GLN B 103 -17.93 18.05 6.30
N TYR B 104 -17.91 17.14 7.25
CA TYR B 104 -18.44 17.44 8.58
C TYR B 104 -17.30 17.47 9.59
N PHE B 105 -16.08 17.63 9.08
CA PHE B 105 -14.90 17.75 9.94
C PHE B 105 -14.75 19.18 10.46
N PRO B 106 -14.04 19.35 11.59
CA PRO B 106 -13.64 20.71 11.95
C PRO B 106 -12.65 21.25 10.93
N ASN B 107 -12.59 22.57 10.79
CA ASN B 107 -11.63 23.22 9.91
C ASN B 107 -10.59 24.00 10.74
N ASP B 108 -9.80 24.85 10.09
CA ASP B 108 -8.79 25.64 10.78
C ASP B 108 -9.36 26.52 11.90
N GLU B 109 -10.43 27.26 11.61
CA GLU B 109 -11.02 28.17 12.60
C GLU B 109 -11.45 27.44 13.86
N ASP B 110 -11.92 26.21 13.70
CA ASP B 110 -12.38 25.38 14.80
C ASP B 110 -11.22 24.92 15.70
N GLN B 111 -10.07 24.71 15.08
CA GLN B 111 -8.86 24.26 15.76
C GLN B 111 -8.24 25.41 16.57
N VAL B 112 -8.12 26.56 15.90
CA VAL B 112 -7.71 27.78 16.57
C VAL B 112 -8.67 28.07 17.72
N GLY B 113 -9.97 27.97 17.43
CA GLY B 113 -11.03 28.23 18.38
C GLY B 113 -10.89 27.37 19.62
N ALA B 114 -10.73 26.08 19.40
CA ALA B 114 -10.50 25.15 20.50
C ALA B 114 -9.19 25.49 21.27
N ALA B 115 -8.17 25.98 20.57
CA ALA B 115 -6.93 26.33 21.25
C ALA B 115 -7.12 27.52 22.21
N LYS B 116 -7.74 28.59 21.70
CA LYS B 116 -8.04 29.78 22.53
C LYS B 116 -8.91 29.36 23.70
N ALA B 117 -9.84 28.44 23.43
CA ALA B 117 -10.70 27.92 24.48
C ALA B 117 -9.83 27.29 25.58
N LEU B 118 -8.82 26.54 25.16
CA LEU B 118 -7.90 25.96 26.12
C LEU B 118 -7.17 27.04 26.94
N LEU B 119 -6.77 28.12 26.28
CA LEU B 119 -6.07 29.22 26.96
C LEU B 119 -6.94 29.88 28.05
N ARG B 120 -8.16 30.25 27.65
CA ARG B 120 -9.13 30.83 28.58
C ARG B 120 -9.40 29.89 29.74
N LEU B 121 -9.45 28.59 29.48
CA LEU B 121 -9.61 27.66 30.59
C LEU B 121 -8.37 27.67 31.48
N GLN B 122 -7.18 27.77 30.92
CA GLN B 122 -5.99 27.84 31.77
C GLN B 122 -6.06 29.06 32.71
N ASP B 123 -6.46 30.19 32.16
CA ASP B 123 -6.60 31.40 32.96
C ASP B 123 -7.61 31.20 34.08
N THR B 124 -8.82 30.84 33.67
CA THR B 124 -9.96 30.63 34.56
C THR B 124 -9.68 29.78 35.81
N TYR B 125 -8.89 28.72 35.64
CA TYR B 125 -8.60 27.81 36.77
C TYR B 125 -7.17 27.93 37.26
N ASN B 126 -6.47 28.95 36.76
CA ASN B 126 -5.10 29.28 37.20
C ASN B 126 -4.15 28.07 37.18
N LEU B 127 -4.08 27.40 36.04
CA LEU B 127 -3.29 26.18 35.94
C LEU B 127 -1.95 26.53 35.29
N ASP B 128 -0.89 25.82 35.70
CA ASP B 128 0.38 25.99 35.01
C ASP B 128 0.40 25.07 33.81
N THR B 129 1.23 25.40 32.83
CA THR B 129 1.24 24.65 31.60
C THR B 129 1.67 23.21 31.84
N ASP B 130 2.51 22.95 32.83
CA ASP B 130 2.91 21.56 33.03
C ASP B 130 1.74 20.65 33.42
N THR B 131 0.92 21.11 34.34
CA THR B 131 -0.20 20.32 34.86
C THR B 131 -1.17 19.98 33.74
N ILE B 132 -1.40 20.95 32.86
CA ILE B 132 -2.29 20.77 31.75
C ILE B 132 -1.66 19.79 30.77
N SER B 133 -0.42 20.05 30.39
CA SER B 133 0.28 19.24 29.40
C SER B 133 0.39 17.78 29.82
N LYS B 134 0.65 17.52 31.08
CA LYS B 134 0.79 16.13 31.51
C LYS B 134 -0.57 15.53 31.85
N GLY B 135 -1.63 16.32 31.72
CA GLY B 135 -2.99 15.83 31.96
C GLY B 135 -3.28 15.21 33.32
N ASN B 136 -2.27 15.08 34.16
CA ASN B 136 -2.43 14.58 35.52
C ASN B 136 -3.36 15.49 36.33
N LEU B 137 -4.66 15.22 36.28
CA LEU B 137 -5.68 16.11 36.83
C LEU B 137 -6.67 15.40 37.78
N PRO B 138 -6.95 16.01 38.94
CA PRO B 138 -7.74 15.36 40.00
C PRO B 138 -9.24 15.29 39.69
N GLY B 139 -9.83 14.11 39.86
CA GLY B 139 -11.23 13.91 39.56
C GLY B 139 -11.54 13.82 38.07
N VAL B 140 -10.50 13.82 37.24
CA VAL B 140 -10.63 13.60 35.79
C VAL B 140 -10.09 12.22 35.43
N LYS B 141 -10.91 11.44 34.71
CA LYS B 141 -10.61 10.04 34.44
C LYS B 141 -9.66 9.84 33.23
N HIS B 142 -9.98 10.48 32.12
CA HIS B 142 -9.21 10.29 30.91
C HIS B 142 -7.88 11.07 31.00
N LYS B 143 -6.80 10.45 30.52
CA LYS B 143 -5.44 10.88 30.82
C LYS B 143 -4.70 11.51 29.65
N SER B 144 -5.39 12.32 28.84
CA SER B 144 -4.75 12.90 27.66
C SER B 144 -3.56 13.82 28.00
N PHE B 145 -2.67 14.00 27.04
CA PHE B 145 -1.48 14.82 27.23
C PHE B 145 -1.16 15.60 25.95
N LEU B 146 -0.49 16.74 26.09
CA LEU B 146 -0.16 17.54 24.92
C LEU B 146 1.28 17.20 24.55
N THR B 147 1.58 17.20 23.26
CA THR B 147 2.96 16.94 22.83
C THR B 147 3.71 18.27 22.84
N ALA B 148 5.05 18.23 22.75
CA ALA B 148 5.83 19.45 22.61
C ALA B 148 5.26 20.25 21.44
N GLU B 149 4.87 19.52 20.38
CA GLU B 149 4.31 20.10 19.17
C GLU B 149 2.93 20.75 19.38
N ASP B 150 2.11 20.12 20.21
CA ASP B 150 0.85 20.69 20.67
C ASP B 150 1.13 22.03 21.39
N CYS B 151 2.04 21.98 22.34
CA CYS B 151 2.42 23.17 23.11
C CYS B 151 2.89 24.30 22.20
N PHE B 152 3.71 23.93 21.22
CA PHE B 152 4.20 24.86 20.22
C PHE B 152 3.03 25.51 19.50
N GLU B 153 2.05 24.69 19.16
CA GLU B 153 0.91 25.20 18.40
C GLU B 153 0.08 26.18 19.25
N LEU B 154 -0.11 25.87 20.52
CA LEU B 154 -0.83 26.76 21.42
C LEU B 154 -0.07 28.09 21.54
N GLY B 155 1.25 28.00 21.71
CA GLY B 155 2.10 29.17 21.76
C GLY B 155 1.95 30.04 20.53
N LYS B 156 1.80 29.41 19.36
CA LYS B 156 1.64 30.12 18.09
C LYS B 156 0.25 30.73 17.93
N VAL B 157 -0.75 30.06 18.48
CA VAL B 157 -2.11 30.58 18.49
C VAL B 157 -2.16 31.86 19.32
N ALA B 158 -1.53 31.80 20.50
CA ALA B 158 -1.40 32.99 21.34
C ALA B 158 -0.68 34.06 20.54
N TYR B 159 0.44 33.69 19.93
CA TYR B 159 1.26 34.64 19.18
C TYR B 159 0.49 35.39 18.12
N THR B 160 -0.37 34.68 17.40
CA THR B 160 -1.16 35.28 16.33
C THR B 160 -2.11 36.38 16.83
N GLU B 161 -2.47 36.33 18.11
CA GLU B 161 -3.46 37.27 18.65
C GLU B 161 -2.78 38.32 19.49
N ALA B 162 -1.46 38.39 19.37
CA ALA B 162 -0.65 39.31 20.15
C ALA B 162 -0.82 39.02 21.64
N ASP B 163 -1.14 37.77 21.97
CA ASP B 163 -1.23 37.34 23.36
C ASP B 163 0.13 36.76 23.74
N TYR B 164 1.07 37.64 24.09
CA TYR B 164 2.44 37.24 24.33
C TYR B 164 2.63 36.54 25.68
N TYR B 165 1.61 36.66 26.53
CA TYR B 165 1.57 36.06 27.85
C TYR B 165 1.48 34.52 27.72
N HIS B 166 0.49 34.10 26.96
CA HIS B 166 0.32 32.69 26.63
C HIS B 166 1.39 32.18 25.67
N THR B 167 1.82 33.00 24.71
CA THR B 167 2.91 32.61 23.81
C THR B 167 4.10 32.20 24.65
N GLU B 168 4.47 33.07 25.58
CA GLU B 168 5.61 32.82 26.43
C GLU B 168 5.40 31.53 27.23
N LEU B 169 4.29 31.43 27.94
CA LEU B 169 4.07 30.23 28.78
C LEU B 169 4.14 28.91 27.99
N TRP B 170 3.48 28.88 26.83
CA TRP B 170 3.38 27.63 26.08
C TRP B 170 4.65 27.29 25.29
N MET B 171 5.35 28.30 24.77
CA MET B 171 6.67 28.03 24.19
C MET B 171 7.59 27.51 25.30
N GLU B 172 7.47 28.03 26.52
CA GLU B 172 8.31 27.52 27.60
C GLU B 172 7.99 26.07 27.88
N GLN B 173 6.70 25.71 27.94
CA GLN B 173 6.34 24.29 28.11
C GLN B 173 6.86 23.39 26.96
N ALA B 174 6.73 23.85 25.71
CA ALA B 174 7.23 23.06 24.58
C ALA B 174 8.72 22.82 24.71
N LEU B 175 9.44 23.90 24.95
CA LEU B 175 10.89 23.86 25.06
C LEU B 175 11.27 22.93 26.20
N ARG B 176 10.52 22.99 27.29
CA ARG B 176 10.77 22.12 28.44
C ARG B 176 10.59 20.65 28.07
N GLN B 177 9.57 20.36 27.27
CA GLN B 177 9.33 18.98 26.91
C GLN B 177 10.45 18.51 25.99
N LEU B 178 10.88 19.38 25.08
CA LEU B 178 12.06 19.14 24.24
C LEU B 178 13.28 18.83 25.09
N ASP B 179 13.47 19.58 26.18
CA ASP B 179 14.56 19.36 27.09
C ASP B 179 14.55 17.91 27.65
N GLU B 180 13.38 17.33 27.98
CA GLU B 180 13.34 15.94 28.45
C GLU B 180 13.67 15.04 27.29
N GLY B 181 13.76 15.65 26.13
CA GLY B 181 14.18 14.86 25.00
C GLY B 181 13.02 14.05 24.49
N GLU B 182 11.82 14.62 24.58
CA GLU B 182 10.67 14.00 23.94
C GLU B 182 11.02 14.06 22.45
N ILE B 183 10.83 12.97 21.74
CA ILE B 183 11.11 13.02 20.31
C ILE B 183 10.01 13.86 19.69
N SER B 184 10.38 14.81 18.85
CA SER B 184 9.38 15.70 18.28
C SER B 184 9.83 16.27 16.93
N THR B 185 8.87 16.82 16.21
CA THR B 185 9.08 17.38 14.88
C THR B 185 9.64 18.81 14.94
N ILE B 186 9.60 19.43 16.12
CA ILE B 186 10.05 20.82 16.23
C ILE B 186 11.47 20.91 16.72
N ASP B 187 12.18 21.87 16.15
CA ASP B 187 13.51 22.22 16.59
C ASP B 187 13.40 23.29 17.66
N LYS B 188 14.29 23.22 18.64
CA LYS B 188 14.32 24.19 19.73
C LYS B 188 14.49 25.61 19.24
N VAL B 189 15.07 25.78 18.04
CA VAL B 189 15.44 27.10 17.54
C VAL B 189 14.22 27.95 17.17
N SER B 190 13.24 27.34 16.49
CA SER B 190 12.02 28.05 16.10
C SER B 190 11.23 28.48 17.34
N VAL B 191 11.13 27.56 18.31
CA VAL B 191 10.41 27.86 19.54
C VAL B 191 11.17 28.88 20.36
N LEU B 192 12.50 28.86 20.29
CA LEU B 192 13.30 29.90 20.94
C LEU B 192 13.08 31.26 20.31
N ASP B 193 12.89 31.27 19.00
CA ASP B 193 12.63 32.49 18.27
C ASP B 193 11.36 33.10 18.84
N TYR B 194 10.30 32.29 18.81
CA TYR B 194 9.01 32.74 19.31
C TYR B 194 9.08 33.19 20.77
N LEU B 195 9.76 32.39 21.58
CA LEU B 195 9.84 32.62 23.01
C LEU B 195 10.51 33.97 23.29
N SER B 196 11.77 34.10 22.87
CA SER B 196 12.51 35.33 23.10
C SER B 196 11.76 36.56 22.58
N TYR B 197 11.13 36.43 21.42
CA TYR B 197 10.35 37.56 20.91
C TYR B 197 9.20 37.95 21.85
N ALA B 198 8.42 36.94 22.27
CA ALA B 198 7.28 37.20 23.14
C ALA B 198 7.70 37.83 24.48
N VAL B 199 8.79 37.29 25.03
CA VAL B 199 9.39 37.78 26.25
C VAL B 199 9.77 39.26 26.14
N TYR B 200 10.52 39.59 25.09
CA TYR B 200 10.87 40.97 24.84
C TYR B 200 9.62 41.85 24.72
N GLN B 201 8.59 41.37 24.04
CA GLN B 201 7.33 42.12 23.91
C GLN B 201 6.68 42.36 25.27
N GLN B 202 6.94 41.46 26.21
CA GLN B 202 6.44 41.66 27.57
C GLN B 202 7.33 42.72 28.22
N GLY B 203 8.63 42.66 27.95
CA GLY B 203 9.55 43.68 28.44
C GLY B 203 10.79 43.19 29.18
N ASP B 204 10.92 41.88 29.31
CA ASP B 204 12.02 41.25 30.04
C ASP B 204 13.26 41.17 29.16
N LEU B 205 13.90 42.31 28.92
CA LEU B 205 15.05 42.37 28.00
C LEU B 205 16.19 41.43 28.37
N ASP B 206 16.41 41.21 29.66
CA ASP B 206 17.43 40.26 30.09
C ASP B 206 17.09 38.82 29.63
N LYS B 207 15.83 38.42 29.84
CA LYS B 207 15.36 37.09 29.45
C LYS B 207 15.42 36.89 27.93
N ALA B 208 14.91 37.87 27.19
CA ALA B 208 14.93 37.82 25.74
C ALA B 208 16.36 37.71 25.25
N LEU B 209 17.28 38.49 25.87
CA LEU B 209 18.67 38.46 25.46
C LEU B 209 19.29 37.10 25.73
N LEU B 210 19.04 36.56 26.92
CA LEU B 210 19.56 35.25 27.33
C LEU B 210 19.07 34.16 26.37
N LEU B 211 17.80 34.25 25.98
CA LEU B 211 17.21 33.24 25.11
C LEU B 211 17.78 33.38 23.69
N THR B 212 17.94 34.62 23.22
CA THR B 212 18.56 34.88 21.94
C THR B 212 19.95 34.23 21.91
N LYS B 213 20.63 34.32 23.04
CA LYS B 213 21.93 33.70 23.18
C LYS B 213 21.84 32.17 23.21
N LYS B 214 20.74 31.64 23.73
CA LYS B 214 20.53 30.19 23.70
C LYS B 214 20.33 29.71 22.27
N LEU B 215 19.53 30.47 21.53
CA LEU B 215 19.24 30.19 20.13
C LEU B 215 20.54 30.19 19.35
N LEU B 216 21.29 31.28 19.44
CA LEU B 216 22.55 31.40 18.72
C LEU B 216 23.54 30.32 19.16
N GLU B 217 23.46 29.96 20.44
CA GLU B 217 24.23 28.85 21.00
C GLU B 217 23.88 27.54 20.30
N LEU B 218 22.64 27.46 19.81
CA LEU B 218 22.18 26.29 19.06
C LEU B 218 22.46 26.41 17.56
N ASP B 219 22.13 27.58 16.99
CA ASP B 219 22.36 27.87 15.59
C ASP B 219 22.99 29.25 15.45
N PRO B 220 24.32 29.30 15.23
CA PRO B 220 25.10 30.54 15.27
C PRO B 220 24.92 31.39 14.02
N GLU B 221 24.44 30.78 12.94
CA GLU B 221 24.29 31.48 11.68
C GLU B 221 22.89 32.06 11.52
N HIS B 222 22.03 31.81 12.51
CA HIS B 222 20.67 32.33 12.47
C HIS B 222 20.69 33.84 12.36
N GLN B 223 20.30 34.32 11.18
CA GLN B 223 20.45 35.71 10.82
C GLN B 223 19.67 36.65 11.75
N ARG B 224 18.37 36.39 11.86
CA ARG B 224 17.49 37.22 12.67
C ARG B 224 17.92 37.29 14.15
N ALA B 225 18.35 36.15 14.69
CA ALA B 225 18.83 36.10 16.07
C ALA B 225 20.05 37.01 16.26
N ASN B 226 20.95 37.00 15.27
CA ASN B 226 22.12 37.86 15.29
C ASN B 226 21.72 39.33 15.34
N GLY B 227 20.82 39.71 14.43
CA GLY B 227 20.29 41.05 14.43
C GLY B 227 19.71 41.43 15.80
N ASN B 228 19.03 40.46 16.40
CA ASN B 228 18.34 40.67 17.67
C ASN B 228 19.35 40.82 18.81
N LEU B 229 20.49 40.15 18.66
CA LEU B 229 21.54 40.17 19.66
C LEU B 229 22.13 41.57 19.69
N LYS B 230 22.53 42.05 18.51
CA LYS B 230 23.08 43.39 18.43
C LYS B 230 22.06 44.39 18.95
N TYR B 231 20.81 44.22 18.54
CA TYR B 231 19.75 45.15 18.90
C TYR B 231 19.56 45.24 20.42
N PHE B 232 19.45 44.08 21.04
CA PHE B 232 19.22 44.01 22.47
C PHE B 232 20.40 44.56 23.24
N GLU B 233 21.61 44.12 22.91
CA GLU B 233 22.80 44.62 23.59
C GLU B 233 22.91 46.14 23.48
N TYR B 234 22.62 46.66 22.29
CA TYR B 234 22.58 48.10 22.14
C TYR B 234 21.62 48.78 23.13
N ILE B 235 20.32 48.45 23.03
CA ILE B 235 19.35 49.16 23.88
C ILE B 235 19.53 48.92 25.39
N MET B 236 20.12 47.78 25.73
CA MET B 236 20.49 47.43 27.10
C MET B 236 21.62 48.34 27.57
N ALA B 237 22.58 48.58 26.69
CA ALA B 237 23.69 49.47 27.03
C ALA B 237 23.22 50.90 27.20
N LYS B 238 22.34 51.35 26.31
CA LYS B 238 21.89 52.73 26.38
C LYS B 238 20.70 52.90 27.34
N GLU B 239 20.38 51.85 28.08
CA GLU B 239 19.31 51.90 29.06
C GLU B 239 19.72 52.68 30.30
#